data_8S19
#
_entry.id   8S19
#
_cell.length_a   59.040
_cell.length_b   59.340
_cell.length_c   192.920
_cell.angle_alpha   90.000
_cell.angle_beta   90.000
_cell.angle_gamma   90.000
#
_symmetry.space_group_name_H-M   'P 21 21 21'
#
loop_
_entity.id
_entity.type
_entity.pdbx_description
1 polymer 'Mast/stem cell growth factor receptor Kit'
2 non-polymer STAUROSPORINE
3 water water
#
_entity_poly.entity_id   1
_entity_poly.type   'polypeptide(L)'
_entity_poly.pdbx_seq_one_letter_code
;GSMPMYEVQWKVVEESNGNNYSYIDPTQLPYDHKWEFPRNRLSFGKTLGAGAFGKVVEATAQGLIKSDAAMTVAVKMLKP
SAHSTEREALMSELKVLSYLGNHENIVNLLGACTHGGPTLVITEYCCYGDLLNFLRRKRDEFVPYKVAPEDLYKDFLTLE
HLLSFSYQVAKGMAFLASKNCIHRDLAARNILLTHGNITKICDFGLARDIKNDSNYVDKGNARLPVKWMAPESIFNSVYT
FESDVWSYGIFLWELFSLGSSPYPGMPVDSKFYKMIKEGFRMSSPEYAPAEMYDIMKTCWDADPDKRPTFKQIVQDIEKQ
ISESTNH
;
_entity_poly.pdbx_strand_id   A,B
#
loop_
_chem_comp.id
_chem_comp.type
_chem_comp.name
_chem_comp.formula
STU non-polymer STAUROSPORINE 'C28 H26 N4 O3'
#
# COMPACT_ATOMS: atom_id res chain seq x y z
N ASN A 19 9.41 -24.07 29.86
CA ASN A 19 9.40 -22.82 29.11
C ASN A 19 10.49 -21.88 29.59
N ASN A 20 11.67 -21.96 28.95
CA ASN A 20 12.79 -21.11 29.33
C ASN A 20 12.74 -19.74 28.69
N TYR A 21 11.87 -19.53 27.70
CA TYR A 21 11.64 -18.22 27.11
C TYR A 21 10.25 -17.74 27.49
N SER A 22 10.12 -16.43 27.75
CA SER A 22 8.86 -15.88 28.19
C SER A 22 8.78 -14.41 27.78
N TYR A 23 7.55 -13.95 27.54
CA TYR A 23 7.31 -12.53 27.32
C TYR A 23 7.34 -11.80 28.66
N ILE A 24 8.18 -10.77 28.74
CA ILE A 24 8.34 -10.01 29.97
C ILE A 24 7.11 -9.12 30.18
N ASP A 25 6.44 -9.31 31.32
CA ASP A 25 5.27 -8.51 31.68
C ASP A 25 5.74 -7.22 32.34
N PRO A 26 5.50 -6.07 31.71
CA PRO A 26 5.96 -4.80 32.29
C PRO A 26 5.36 -4.51 33.65
N THR A 27 4.16 -5.00 33.93
CA THR A 27 3.53 -4.78 35.23
C THR A 27 4.10 -5.68 36.31
N GLN A 28 4.80 -6.75 35.93
CA GLN A 28 5.47 -7.60 36.92
C GLN A 28 6.82 -7.06 37.33
N LEU A 29 7.40 -6.15 36.56
CA LEU A 29 8.71 -5.61 36.88
C LEU A 29 8.61 -4.68 38.09
N PRO A 30 9.68 -4.53 38.86
CA PRO A 30 9.67 -3.60 39.99
C PRO A 30 9.54 -2.16 39.52
N TYR A 31 9.09 -1.30 40.43
CA TYR A 31 8.99 0.12 40.15
C TYR A 31 10.36 0.75 40.16
N ASP A 32 10.68 1.51 39.10
CA ASP A 32 11.97 2.15 38.97
C ASP A 32 11.94 3.48 39.70
N HIS A 33 12.74 3.59 40.77
CA HIS A 33 12.72 4.80 41.60
C HIS A 33 13.40 5.99 40.94
N LYS A 34 13.88 5.86 39.70
CA LYS A 34 14.36 7.03 38.97
C LYS A 34 13.24 8.04 38.75
N TRP A 35 11.98 7.59 38.79
CA TRP A 35 10.83 8.45 38.67
C TRP A 35 10.41 9.08 39.99
N GLU A 36 10.99 8.65 41.10
CA GLU A 36 10.54 9.13 42.40
C GLU A 36 10.83 10.61 42.55
N PHE A 37 9.78 11.37 42.89
CA PHE A 37 9.85 12.80 43.10
C PHE A 37 9.32 13.13 44.48
N PRO A 38 9.98 14.03 45.21
CA PRO A 38 9.54 14.34 46.58
C PRO A 38 8.14 14.92 46.60
N ARG A 39 7.33 14.41 47.55
CA ARG A 39 5.93 14.80 47.60
C ARG A 39 5.77 16.26 48.04
N ASN A 40 6.66 16.73 48.91
CA ASN A 40 6.57 18.09 49.42
C ASN A 40 6.91 19.14 48.37
N ARG A 41 7.37 18.73 47.20
CA ARG A 41 7.73 19.67 46.13
C ARG A 41 6.64 19.82 45.09
N LEU A 42 5.43 19.34 45.38
CA LEU A 42 4.28 19.49 44.49
C LEU A 42 3.25 20.41 45.15
N SER A 43 2.85 21.45 44.43
CA SER A 43 1.81 22.37 44.88
C SER A 43 0.62 22.23 43.94
N PHE A 44 -0.48 21.69 44.45
CA PHE A 44 -1.65 21.42 43.62
C PHE A 44 -2.40 22.71 43.31
N GLY A 45 -2.97 22.76 42.11
CA GLY A 45 -3.77 23.90 41.70
C GLY A 45 -5.18 23.53 41.33
N LYS A 46 -5.67 24.04 40.20
CA LYS A 46 -7.03 23.77 39.78
C LYS A 46 -7.16 22.33 39.29
N THR A 47 -8.35 21.77 39.47
CA THR A 47 -8.64 20.41 39.03
C THR A 47 -8.89 20.41 37.53
N LEU A 48 -8.14 19.60 36.79
CA LEU A 48 -8.30 19.54 35.35
C LEU A 48 -9.45 18.62 34.95
N GLY A 49 -9.60 17.50 35.65
CA GLY A 49 -10.68 16.57 35.35
C GLY A 49 -10.84 15.57 36.45
N ALA A 50 -12.04 14.99 36.51
CA ALA A 50 -12.38 14.01 37.53
C ALA A 50 -13.22 12.91 36.90
N GLY A 51 -13.42 11.84 37.66
CA GLY A 51 -14.21 10.73 37.17
C GLY A 51 -14.29 9.62 38.21
N ALA A 52 -14.59 8.41 37.73
CA ALA A 52 -14.65 7.27 38.63
C ALA A 52 -13.26 6.88 39.13
N PHE A 53 -12.22 7.15 38.34
CA PHE A 53 -10.86 6.81 38.75
C PHE A 53 -10.39 7.68 39.92
N GLY A 54 -10.73 8.96 39.89
CA GLY A 54 -10.22 9.92 40.84
C GLY A 54 -10.24 11.31 40.24
N LYS A 55 -9.07 11.95 40.12
CA LYS A 55 -9.00 13.26 39.49
C LYS A 55 -7.58 13.53 39.04
N VAL A 56 -7.47 14.40 38.04
CA VAL A 56 -6.19 14.89 37.53
C VAL A 56 -6.15 16.39 37.80
N VAL A 57 -5.13 16.83 38.53
CA VAL A 57 -5.03 18.23 38.96
C VAL A 57 -3.77 18.84 38.38
N GLU A 58 -3.88 20.10 37.97
CA GLU A 58 -2.70 20.86 37.58
C GLU A 58 -1.87 21.19 38.81
N ALA A 59 -0.54 21.06 38.68
CA ALA A 59 0.32 21.29 39.82
C ALA A 59 1.64 21.88 39.35
N THR A 60 2.37 22.44 40.30
CA THR A 60 3.71 22.99 40.08
C THR A 60 4.72 22.05 40.72
N ALA A 61 5.66 21.54 39.92
CA ALA A 61 6.72 20.66 40.39
C ALA A 61 7.98 21.49 40.62
N GLN A 62 8.29 21.77 41.88
CA GLN A 62 9.47 22.56 42.23
C GLN A 62 10.70 21.68 42.15
N GLY A 63 11.57 21.94 41.18
CA GLY A 63 12.79 21.16 41.04
C GLY A 63 12.60 19.85 40.30
N LEU A 64 11.66 19.78 39.36
CA LEU A 64 11.43 18.53 38.64
C LEU A 64 12.52 18.28 37.62
N ILE A 65 12.68 19.19 36.66
CA ILE A 65 13.71 19.04 35.64
C ILE A 65 14.96 19.80 36.09
N LYS A 66 14.79 21.09 36.40
CA LYS A 66 15.86 21.92 36.93
C LYS A 66 15.61 22.18 38.40
N SER A 67 16.68 22.21 39.19
CA SER A 67 16.56 22.21 40.65
C SER A 67 15.81 23.43 41.16
N ASP A 68 16.11 24.62 40.61
CA ASP A 68 15.50 25.86 41.06
C ASP A 68 14.42 26.36 40.11
N ALA A 69 13.93 25.51 39.23
CA ALA A 69 12.92 25.90 38.25
C ALA A 69 11.63 25.16 38.55
N ALA A 70 10.56 25.92 38.84
CA ALA A 70 9.25 25.33 38.98
C ALA A 70 8.71 24.95 37.60
N MET A 71 7.98 23.84 37.55
CA MET A 71 7.46 23.31 36.29
C MET A 71 5.99 22.95 36.46
N THR A 72 5.14 23.51 35.61
CA THR A 72 3.74 23.16 35.62
C THR A 72 3.56 21.75 35.04
N VAL A 73 2.91 20.88 35.80
CA VAL A 73 2.74 19.48 35.44
C VAL A 73 1.29 19.09 35.69
N ALA A 74 0.96 17.85 35.32
CA ALA A 74 -0.33 17.25 35.62
C ALA A 74 -0.12 16.06 36.53
N VAL A 75 -0.95 15.95 37.56
CA VAL A 75 -0.82 14.91 38.59
C VAL A 75 -2.11 14.13 38.65
N LYS A 76 -2.02 12.82 38.41
CA LYS A 76 -3.17 11.93 38.44
C LYS A 76 -3.22 11.20 39.79
N MET A 77 -4.40 11.16 40.38
CA MET A 77 -4.57 10.57 41.70
C MET A 77 -5.92 9.90 41.78
N LEU A 78 -6.04 8.98 42.74
CA LEU A 78 -7.25 8.18 42.91
C LEU A 78 -8.20 8.83 43.91
N LYS A 79 -9.44 8.36 43.91
CA LYS A 79 -10.38 8.76 44.95
C LYS A 79 -9.88 8.28 46.31
N PRO A 80 -10.13 9.04 47.38
CA PRO A 80 -9.61 8.64 48.69
C PRO A 80 -10.12 7.30 49.17
N SER A 81 -11.32 6.90 48.74
CA SER A 81 -11.93 5.65 49.15
C SER A 81 -11.53 4.47 48.28
N ALA A 82 -10.45 4.60 47.52
CA ALA A 82 -10.03 3.54 46.61
C ALA A 82 -9.54 2.33 47.39
N HIS A 83 -10.01 1.15 47.00
CA HIS A 83 -9.63 -0.10 47.65
C HIS A 83 -8.24 -0.53 47.21
N SER A 84 -7.79 -1.67 47.74
CA SER A 84 -6.43 -2.13 47.46
C SER A 84 -6.25 -2.54 46.01
N THR A 85 -7.29 -3.09 45.38
CA THR A 85 -7.18 -3.44 43.97
C THR A 85 -7.09 -2.20 43.09
N GLU A 86 -7.72 -1.10 43.50
CA GLU A 86 -7.64 0.14 42.75
C GLU A 86 -6.26 0.78 42.87
N ARG A 87 -5.58 0.57 44.00
CA ARG A 87 -4.24 1.14 44.17
C ARG A 87 -3.22 0.40 43.31
N GLU A 88 -3.28 -0.93 43.29
CA GLU A 88 -2.35 -1.71 42.49
C GLU A 88 -2.52 -1.47 40.99
N ALA A 89 -3.70 -1.02 40.56
CA ALA A 89 -3.90 -0.72 39.15
C ALA A 89 -3.15 0.53 38.74
N LEU A 90 -3.09 1.53 39.61
CA LEU A 90 -2.38 2.76 39.30
C LEU A 90 -0.87 2.53 39.22
N MET A 91 -0.35 1.61 40.02
CA MET A 91 1.07 1.26 39.91
C MET A 91 1.36 0.53 38.60
N SER A 92 0.43 -0.29 38.13
CA SER A 92 0.62 -0.98 36.86
C SER A 92 0.73 0.00 35.71
N GLU A 93 -0.18 0.98 35.67
CA GLU A 93 -0.11 2.02 34.64
C GLU A 93 1.22 2.76 34.71
N LEU A 94 1.69 3.03 35.93
CA LEU A 94 3.01 3.65 36.10
C LEU A 94 4.09 2.76 35.51
N LYS A 95 4.03 1.45 35.75
CA LYS A 95 5.02 0.54 35.19
C LYS A 95 4.89 0.43 33.69
N VAL A 96 3.66 0.44 33.17
CA VAL A 96 3.46 0.39 31.73
C VAL A 96 4.03 1.62 31.06
N LEU A 97 3.73 2.80 31.62
CA LEU A 97 4.30 4.04 31.09
C LEU A 97 5.82 4.04 31.19
N SER A 98 6.38 3.42 32.22
CA SER A 98 7.83 3.34 32.35
C SER A 98 8.42 2.45 31.27
N TYR A 99 7.79 1.31 31.00
CA TYR A 99 8.28 0.43 29.94
C TYR A 99 8.05 1.00 28.56
N LEU A 100 6.97 1.78 28.39
CA LEU A 100 6.65 2.34 27.08
C LEU A 100 7.76 3.24 26.57
N GLY A 101 8.22 4.16 27.41
CA GLY A 101 9.22 5.12 26.99
C GLY A 101 8.59 6.42 26.53
N ASN A 102 9.46 7.39 26.22
CA ASN A 102 9.02 8.71 25.85
C ASN A 102 8.70 8.78 24.36
N HIS A 103 7.63 9.50 24.03
CA HIS A 103 7.29 9.80 22.66
C HIS A 103 6.63 11.17 22.61
N GLU A 104 6.83 11.88 21.49
CA GLU A 104 6.36 13.25 21.39
C GLU A 104 4.84 13.33 21.37
N ASN A 105 4.16 12.28 20.90
CA ASN A 105 2.72 12.30 20.69
C ASN A 105 1.95 11.56 21.78
N ILE A 106 2.55 11.37 22.96
CA ILE A 106 1.85 10.85 24.12
C ILE A 106 2.18 11.75 25.30
N VAL A 107 1.24 11.83 26.25
CA VAL A 107 1.47 12.56 27.48
C VAL A 107 2.48 11.76 28.30
N ASN A 108 3.74 12.17 28.26
CA ASN A 108 4.81 11.36 28.79
C ASN A 108 4.86 11.42 30.31
N LEU A 109 5.34 10.33 30.91
CA LEU A 109 5.52 10.27 32.34
C LEU A 109 6.71 11.11 32.77
N LEU A 110 6.52 11.92 33.81
CA LEU A 110 7.59 12.77 34.31
C LEU A 110 8.10 12.37 35.70
N GLY A 111 7.27 11.73 36.51
CA GLY A 111 7.69 11.33 37.83
C GLY A 111 6.56 10.65 38.57
N ALA A 112 6.84 10.31 39.82
CA ALA A 112 5.85 9.65 40.66
C ALA A 112 6.19 9.87 42.13
N CYS A 113 5.15 9.87 42.96
CA CYS A 113 5.28 9.95 44.41
C CYS A 113 4.74 8.65 44.98
N THR A 114 5.62 7.73 45.34
CA THR A 114 5.22 6.40 45.77
C THR A 114 5.55 6.07 47.22
N HIS A 115 6.27 6.94 47.92
CA HIS A 115 6.71 6.63 49.28
C HIS A 115 5.54 6.76 50.24
N GLY A 116 5.07 5.62 50.76
CA GLY A 116 4.12 5.53 51.85
C GLY A 116 3.01 6.56 51.88
N GLY A 117 2.35 6.78 50.75
CA GLY A 117 1.26 7.72 50.67
C GLY A 117 0.40 7.46 49.45
N PRO A 118 -0.54 8.36 49.17
CA PRO A 118 -1.36 8.22 47.96
C PRO A 118 -0.47 8.37 46.72
N THR A 119 -0.50 7.35 45.87
CA THR A 119 0.35 7.36 44.69
C THR A 119 -0.04 8.53 43.78
N LEU A 120 0.97 9.30 43.39
CA LEU A 120 0.78 10.45 42.51
C LEU A 120 1.60 10.22 41.24
N VAL A 121 0.93 10.30 40.09
CA VAL A 121 1.56 10.09 38.79
C VAL A 121 1.72 11.45 38.13
N ILE A 122 2.96 11.87 37.94
CA ILE A 122 3.28 13.17 37.37
C ILE A 122 3.55 13.00 35.88
N THR A 123 2.72 13.62 35.05
CA THR A 123 2.87 13.54 33.60
C THR A 123 2.97 14.94 33.02
N GLU A 124 3.14 15.01 31.70
CA GLU A 124 3.25 16.28 31.01
C GLU A 124 1.92 17.02 31.03
N TYR A 125 2.00 18.34 31.02
CA TYR A 125 0.83 19.21 31.04
C TYR A 125 0.58 19.77 29.65
N CYS A 126 -0.69 19.73 29.23
CA CYS A 126 -1.11 20.24 27.93
C CYS A 126 -2.08 21.39 28.15
N CYS A 127 -1.63 22.60 27.81
CA CYS A 127 -2.33 23.81 28.24
C CYS A 127 -3.63 24.07 27.48
N TYR A 128 -3.78 23.56 26.27
CA TYR A 128 -4.96 23.85 25.46
C TYR A 128 -6.08 22.86 25.66
N GLY A 129 -5.91 21.86 26.54
CA GLY A 129 -6.98 20.95 26.85
C GLY A 129 -7.13 19.82 25.83
N ASP A 130 -8.31 19.19 25.87
CA ASP A 130 -8.59 18.07 24.99
C ASP A 130 -8.93 18.55 23.58
N LEU A 131 -8.71 17.66 22.61
CA LEU A 131 -8.89 18.03 21.22
C LEU A 131 -10.36 18.14 20.85
N LEU A 132 -11.24 17.42 21.55
CA LEU A 132 -12.67 17.46 21.24
C LEU A 132 -13.25 18.84 21.54
N ASN A 133 -12.99 19.37 22.74
CA ASN A 133 -13.49 20.70 23.07
C ASN A 133 -12.79 21.79 22.28
N PHE A 134 -11.53 21.55 21.89
CA PHE A 134 -10.82 22.53 21.08
C PHE A 134 -11.47 22.71 19.72
N LEU A 135 -11.89 21.60 19.10
CA LEU A 135 -12.55 21.67 17.80
C LEU A 135 -13.90 22.37 17.89
N ARG A 136 -14.58 22.25 19.03
CA ARG A 136 -15.93 22.80 19.12
C ARG A 136 -15.93 24.31 19.30
N ARG A 137 -14.93 24.85 20.00
CA ARG A 137 -14.86 26.30 20.16
C ARG A 137 -14.28 26.97 18.93
N LYS A 138 -13.42 26.29 18.18
CA LYS A 138 -12.88 26.82 16.94
C LYS A 138 -13.72 26.45 15.73
N ARG A 139 -14.86 25.78 15.92
CA ARG A 139 -15.68 25.37 14.79
C ARG A 139 -16.31 26.56 14.09
N ASP A 140 -16.83 27.53 14.85
CA ASP A 140 -17.47 28.70 14.26
C ASP A 140 -16.49 29.57 13.48
N GLU A 141 -15.20 29.50 13.79
CA GLU A 141 -14.18 30.28 13.10
C GLU A 141 -13.28 29.41 12.24
N PHE A 142 -13.78 28.27 11.78
CA PHE A 142 -13.00 27.36 10.96
C PHE A 142 -12.89 27.87 9.54
N VAL A 143 -11.75 27.58 8.91
CA VAL A 143 -11.50 27.98 7.53
C VAL A 143 -10.79 26.84 6.80
N PRO A 144 -11.20 26.48 5.58
CA PRO A 144 -10.53 25.44 4.81
C PRO A 144 -9.11 25.82 4.42
N ASP A 155 -4.36 32.33 13.62
CA ASP A 155 -5.15 32.05 14.81
C ASP A 155 -6.41 31.27 14.46
N PHE A 156 -6.47 30.78 13.22
CA PHE A 156 -7.64 30.07 12.71
C PHE A 156 -7.33 28.59 12.57
N LEU A 157 -8.31 27.75 12.91
CA LEU A 157 -8.21 26.32 12.65
C LEU A 157 -8.41 26.07 11.16
N THR A 158 -7.44 25.41 10.53
CA THR A 158 -7.45 25.18 9.10
C THR A 158 -7.47 23.68 8.81
N LEU A 159 -7.63 23.36 7.53
CA LEU A 159 -7.56 21.97 7.09
C LEU A 159 -6.19 21.38 7.33
N GLU A 160 -5.14 22.20 7.20
CA GLU A 160 -3.78 21.71 7.40
C GLU A 160 -3.54 21.28 8.83
N HIS A 161 -4.25 21.89 9.79
CA HIS A 161 -4.13 21.46 11.18
C HIS A 161 -4.81 20.13 11.42
N LEU A 162 -5.94 19.88 10.73
CA LEU A 162 -6.62 18.60 10.87
C LEU A 162 -5.77 17.46 10.33
N LEU A 163 -5.13 17.66 9.17
CA LEU A 163 -4.24 16.64 8.62
C LEU A 163 -3.04 16.41 9.54
N SER A 164 -2.53 17.48 10.15
CA SER A 164 -1.43 17.33 11.09
C SER A 164 -1.88 16.57 12.34
N PHE A 165 -3.10 16.83 12.80
CA PHE A 165 -3.61 16.12 13.97
C PHE A 165 -3.81 14.64 13.67
N SER A 166 -4.42 14.33 12.53
CA SER A 166 -4.57 12.93 12.11
C SER A 166 -3.21 12.25 12.03
N TYR A 167 -2.20 12.96 11.54
CA TYR A 167 -0.88 12.38 11.36
C TYR A 167 -0.21 12.09 12.70
N GLN A 168 -0.33 13.03 13.64
CA GLN A 168 0.36 12.87 14.93
C GLN A 168 -0.29 11.77 15.76
N VAL A 169 -1.61 11.64 15.71
CA VAL A 169 -2.29 10.58 16.46
C VAL A 169 -1.95 9.22 15.87
N ALA A 170 -1.79 9.14 14.55
CA ALA A 170 -1.38 7.89 13.92
C ALA A 170 0.02 7.50 14.36
N LYS A 171 0.90 8.49 14.55
CA LYS A 171 2.26 8.18 14.98
C LYS A 171 2.30 7.72 16.43
N GLY A 172 1.57 8.41 17.31
CA GLY A 172 1.52 7.98 18.70
C GLY A 172 0.96 6.58 18.86
N MET A 173 -0.08 6.25 18.07
CA MET A 173 -0.65 4.92 18.15
C MET A 173 0.26 3.88 17.52
N ALA A 174 0.99 4.26 16.46
CA ALA A 174 1.97 3.35 15.87
C ALA A 174 3.10 3.07 16.85
N PHE A 175 3.48 4.08 17.65
CA PHE A 175 4.47 3.85 18.70
C PHE A 175 3.93 2.90 19.76
N LEU A 176 2.65 3.03 20.12
CA LEU A 176 2.05 2.12 21.09
C LEU A 176 2.01 0.70 20.53
N ALA A 177 1.53 0.54 19.29
CA ALA A 177 1.46 -0.79 18.70
C ALA A 177 2.85 -1.40 18.56
N SER A 178 3.87 -0.58 18.31
CA SER A 178 5.24 -1.08 18.21
C SER A 178 5.72 -1.66 19.54
N LYS A 179 5.13 -1.25 20.65
CA LYS A 179 5.44 -1.79 21.97
C LYS A 179 4.43 -2.84 22.42
N ASN A 180 3.60 -3.34 21.49
CA ASN A 180 2.58 -4.35 21.80
C ASN A 180 1.58 -3.84 22.84
N CYS A 181 1.18 -2.58 22.71
CA CYS A 181 0.25 -1.96 23.64
C CYS A 181 -0.98 -1.45 22.91
N ILE A 182 -2.15 -1.69 23.51
CA ILE A 182 -3.42 -1.20 23.00
C ILE A 182 -3.94 -0.14 23.96
N HIS A 183 -4.57 0.90 23.41
CA HIS A 183 -5.05 1.98 24.27
C HIS A 183 -6.43 1.69 24.83
N ARG A 184 -7.34 1.20 23.98
CA ARG A 184 -8.69 0.73 24.27
C ARG A 184 -9.69 1.85 24.52
N ASP A 185 -9.30 3.12 24.38
CA ASP A 185 -10.27 4.22 24.51
C ASP A 185 -9.80 5.40 23.68
N LEU A 186 -9.49 5.15 22.41
CA LEU A 186 -9.03 6.23 21.54
C LEU A 186 -10.22 7.09 21.10
N ALA A 187 -10.15 8.38 21.39
CA ALA A 187 -11.19 9.32 21.01
C ALA A 187 -10.60 10.72 21.07
N ALA A 188 -11.31 11.66 20.44
CA ALA A 188 -10.85 13.04 20.42
C ALA A 188 -10.81 13.64 21.82
N ARG A 189 -11.65 13.14 22.73
CA ARG A 189 -11.61 13.61 24.11
C ARG A 189 -10.32 13.20 24.83
N ASN A 190 -9.66 12.13 24.37
CA ASN A 190 -8.44 11.64 24.99
C ASN A 190 -7.19 12.09 24.25
N ILE A 191 -7.30 13.07 23.36
CA ILE A 191 -6.16 13.66 22.68
C ILE A 191 -6.00 15.08 23.22
N LEU A 192 -4.83 15.35 23.80
CA LEU A 192 -4.56 16.67 24.38
C LEU A 192 -3.71 17.50 23.43
N LEU A 193 -3.78 18.81 23.60
CA LEU A 193 -3.12 19.76 22.72
C LEU A 193 -2.26 20.70 23.56
N THR A 194 -1.02 20.90 23.14
CA THR A 194 -0.09 21.77 23.87
C THR A 194 0.47 22.81 22.90
N HIS A 195 1.58 23.43 23.28
CA HIS A 195 2.18 24.47 22.46
C HIS A 195 2.67 23.90 21.14
N GLY A 196 2.53 24.69 20.08
CA GLY A 196 2.99 24.28 18.77
C GLY A 196 2.07 23.35 18.02
N ASN A 197 0.80 23.26 18.42
CA ASN A 197 -0.18 22.38 17.79
C ASN A 197 0.28 20.93 17.81
N ILE A 198 0.88 20.51 18.93
CA ILE A 198 1.32 19.15 19.14
C ILE A 198 0.23 18.40 19.90
N THR A 199 -0.17 17.25 19.39
CA THR A 199 -1.20 16.43 20.01
C THR A 199 -0.58 15.25 20.73
N LYS A 200 -1.05 14.99 21.95
CA LYS A 200 -0.55 13.90 22.79
C LYS A 200 -1.71 13.03 23.24
N ILE A 201 -1.57 11.72 23.03
CA ILE A 201 -2.55 10.78 23.55
C ILE A 201 -2.38 10.66 25.06
N CYS A 202 -3.49 10.70 25.79
CA CYS A 202 -3.46 10.64 27.24
C CYS A 202 -4.38 9.53 27.73
N ASP A 203 -4.50 9.42 29.05
CA ASP A 203 -5.33 8.42 29.72
C ASP A 203 -4.93 7.01 29.31
N PHE A 204 -3.95 6.43 30.01
CA PHE A 204 -3.48 5.08 29.75
C PHE A 204 -3.97 4.10 30.83
N GLY A 205 -5.12 4.39 31.44
CA GLY A 205 -5.63 3.51 32.49
C GLY A 205 -6.04 2.15 31.98
N LEU A 206 -6.51 2.07 30.74
CA LEU A 206 -6.89 0.81 30.13
C LEU A 206 -5.87 0.31 29.13
N ALA A 207 -4.70 0.94 29.05
CA ALA A 207 -3.64 0.50 28.16
C ALA A 207 -3.12 -0.85 28.61
N ARG A 208 -3.01 -1.79 27.68
CA ARG A 208 -2.62 -3.17 27.99
C ARG A 208 -1.52 -3.64 27.07
N ASP A 209 -0.50 -4.28 27.65
CA ASP A 209 0.48 -5.02 26.88
C ASP A 209 -0.09 -6.40 26.60
N ILE A 210 -0.18 -6.77 25.33
CA ILE A 210 -0.81 -8.02 24.93
C ILE A 210 0.18 -8.91 24.20
N LYS A 211 1.45 -8.84 24.59
CA LYS A 211 2.49 -9.59 23.90
C LYS A 211 2.24 -11.09 23.95
N ASN A 212 1.78 -11.58 25.10
CA ASN A 212 1.49 -13.00 25.22
C ASN A 212 0.33 -13.41 24.31
N ASP A 213 -0.82 -12.73 24.48
CA ASP A 213 -2.00 -12.98 23.66
C ASP A 213 -2.43 -14.44 23.66
N ASN A 215 -6.92 -10.88 21.71
CA ASN A 215 -5.61 -10.67 22.33
C ASN A 215 -5.78 -10.19 23.77
N TYR A 216 -6.89 -9.52 24.05
CA TYR A 216 -7.23 -9.12 25.42
C TYR A 216 -8.74 -9.14 25.55
N VAL A 217 -9.25 -10.05 26.37
CA VAL A 217 -10.67 -10.15 26.67
C VAL A 217 -10.90 -9.50 28.03
N ASP A 218 -11.72 -8.45 28.05
CA ASP A 218 -11.97 -7.68 29.26
C ASP A 218 -13.17 -8.24 30.02
N LYS A 219 -12.99 -8.45 31.32
CA LYS A 219 -14.04 -8.92 32.20
C LYS A 219 -14.18 -7.94 33.36
N GLY A 220 -15.25 -7.16 33.36
CA GLY A 220 -15.45 -6.18 34.41
C GLY A 220 -16.77 -5.46 34.22
N ASN A 221 -17.10 -4.65 35.22
CA ASN A 221 -18.32 -3.85 35.24
C ASN A 221 -17.92 -2.38 35.13
N ALA A 222 -18.10 -1.81 33.94
CA ALA A 222 -17.76 -0.41 33.72
C ALA A 222 -18.49 0.09 32.49
N ARG A 223 -18.85 1.37 32.51
CA ARG A 223 -19.50 1.99 31.37
C ARG A 223 -18.53 2.08 30.21
N LEU A 224 -19.01 1.73 29.01
CA LEU A 224 -18.14 1.61 27.86
C LEU A 224 -18.54 2.62 26.78
N PRO A 225 -17.57 3.14 26.03
CA PRO A 225 -17.85 4.06 24.91
C PRO A 225 -18.28 3.30 23.65
N VAL A 226 -19.57 2.94 23.62
CA VAL A 226 -20.08 2.02 22.61
C VAL A 226 -19.86 2.55 21.20
N LYS A 227 -20.08 3.86 21.00
CA LYS A 227 -20.00 4.41 19.66
C LYS A 227 -18.58 4.48 19.11
N TRP A 228 -17.57 4.26 19.94
CA TRP A 228 -16.19 4.21 19.49
C TRP A 228 -15.64 2.78 19.41
N MET A 229 -16.41 1.79 19.83
CA MET A 229 -15.91 0.43 19.97
C MET A 229 -16.13 -0.38 18.70
N ALA A 230 -15.16 -1.23 18.38
CA ALA A 230 -15.30 -2.16 17.28
C ALA A 230 -16.39 -3.18 17.59
N PRO A 231 -17.03 -3.76 16.57
CA PRO A 231 -18.11 -4.73 16.85
C PRO A 231 -17.66 -5.92 17.67
N GLU A 232 -16.46 -6.45 17.42
CA GLU A 232 -16.00 -7.58 18.21
C GLU A 232 -15.80 -7.21 19.67
N SER A 233 -15.49 -5.95 19.95
CA SER A 233 -15.36 -5.51 21.33
C SER A 233 -16.72 -5.43 22.02
N ILE A 234 -17.75 -5.03 21.28
CA ILE A 234 -19.08 -4.92 21.87
C ILE A 234 -19.68 -6.30 22.11
N PHE A 235 -19.55 -7.20 21.13
CA PHE A 235 -20.24 -8.48 21.18
C PHE A 235 -19.45 -9.55 21.91
N ASN A 236 -18.12 -9.49 21.88
CA ASN A 236 -17.30 -10.53 22.50
C ASN A 236 -16.29 -9.97 23.49
N SER A 237 -16.25 -8.65 23.71
CA SER A 237 -15.39 -8.04 24.71
C SER A 237 -13.92 -8.33 24.46
N VAL A 238 -13.53 -8.37 23.18
CA VAL A 238 -12.16 -8.62 22.78
C VAL A 238 -11.53 -7.32 22.29
N TYR A 239 -10.25 -7.11 22.62
CA TYR A 239 -9.54 -5.90 22.28
C TYR A 239 -8.19 -6.28 21.68
N THR A 240 -7.89 -5.72 20.51
CA THR A 240 -6.68 -6.03 19.76
C THR A 240 -6.12 -4.74 19.16
N PHE A 241 -5.03 -4.87 18.42
CA PHE A 241 -4.51 -3.74 17.65
C PHE A 241 -5.53 -3.25 16.64
N GLU A 242 -6.35 -4.17 16.10
CA GLU A 242 -7.34 -3.81 15.10
C GLU A 242 -8.53 -3.07 15.71
N SER A 243 -8.88 -3.36 16.96
CA SER A 243 -9.95 -2.58 17.60
C SER A 243 -9.51 -1.15 17.87
N ASP A 244 -8.23 -0.94 18.18
CA ASP A 244 -7.70 0.42 18.28
C ASP A 244 -7.78 1.14 16.94
N VAL A 245 -7.58 0.40 15.85
CA VAL A 245 -7.65 1.00 14.53
C VAL A 245 -9.09 1.43 14.22
N TRP A 246 -10.08 0.64 14.66
CA TRP A 246 -11.47 1.05 14.50
C TRP A 246 -11.73 2.36 15.21
N SER A 247 -11.28 2.47 16.46
CA SER A 247 -11.47 3.69 17.23
C SER A 247 -10.79 4.88 16.54
N TYR A 248 -9.64 4.64 15.93
CA TYR A 248 -8.95 5.72 15.23
C TYR A 248 -9.78 6.22 14.06
N GLY A 249 -10.47 5.32 13.37
CA GLY A 249 -11.36 5.76 12.30
C GLY A 249 -12.49 6.62 12.80
N ILE A 250 -13.07 6.26 13.95
CA ILE A 250 -14.10 7.10 14.55
C ILE A 250 -13.51 8.43 14.99
N PHE A 251 -12.24 8.43 15.41
CA PHE A 251 -11.58 9.68 15.76
C PHE A 251 -11.43 10.57 14.54
N LEU A 252 -11.10 9.99 13.38
CA LEU A 252 -10.98 10.78 12.17
C LEU A 252 -12.31 11.43 11.80
N TRP A 253 -13.41 10.71 12.00
CA TRP A 253 -14.72 11.31 11.77
C TRP A 253 -14.96 12.48 12.72
N GLU A 254 -14.59 12.30 13.99
CA GLU A 254 -14.69 13.40 14.94
C GLU A 254 -13.86 14.60 14.50
N LEU A 255 -12.66 14.34 13.99
CA LEU A 255 -11.74 15.43 13.67
C LEU A 255 -12.24 16.25 12.49
N PHE A 256 -12.66 15.59 11.41
CA PHE A 256 -13.06 16.28 10.21
C PHE A 256 -14.52 16.73 10.20
N SER A 257 -15.30 16.31 11.19
CA SER A 257 -16.61 16.91 11.44
C SER A 257 -16.53 18.03 12.46
N LEU A 258 -15.32 18.39 12.89
CA LEU A 258 -15.09 19.50 13.81
C LEU A 258 -15.77 19.28 15.16
N GLY A 259 -15.63 18.06 15.69
CA GLY A 259 -16.04 17.76 17.04
C GLY A 259 -17.48 17.34 17.22
N SER A 260 -18.16 16.93 16.16
CA SER A 260 -19.54 16.48 16.28
CA SER A 260 -19.55 16.48 16.28
C SER A 260 -19.60 15.05 16.83
N SER A 261 -20.69 14.75 17.52
CA SER A 261 -20.85 13.43 18.10
C SER A 261 -21.01 12.38 17.00
N PRO A 262 -20.45 11.19 17.19
CA PRO A 262 -20.60 10.15 16.17
C PRO A 262 -22.00 9.58 16.13
N TYR A 263 -22.39 9.13 14.94
CA TYR A 263 -23.72 8.60 14.69
C TYR A 263 -24.81 9.55 15.18
N PRO A 264 -24.88 10.77 14.63
CA PRO A 264 -25.90 11.71 15.09
C PRO A 264 -27.31 11.20 14.80
N GLY A 265 -28.21 11.41 15.77
CA GLY A 265 -29.55 10.90 15.63
C GLY A 265 -29.69 9.41 15.80
N MET A 266 -28.66 8.74 16.33
CA MET A 266 -28.71 7.29 16.57
C MET A 266 -28.32 7.02 18.01
N PRO A 267 -29.29 6.87 18.91
CA PRO A 267 -28.97 6.53 20.29
C PRO A 267 -28.40 5.13 20.40
N VAL A 268 -27.59 4.90 21.42
CA VAL A 268 -27.07 3.56 21.70
C VAL A 268 -28.21 2.71 22.22
N ASP A 269 -28.76 1.87 21.35
CA ASP A 269 -29.87 0.99 21.71
C ASP A 269 -29.78 -0.27 20.87
N SER A 270 -30.83 -1.08 20.92
CA SER A 270 -30.83 -2.34 20.19
C SER A 270 -30.76 -2.12 18.68
N LYS A 271 -31.37 -1.04 18.18
CA LYS A 271 -31.29 -0.75 16.76
C LYS A 271 -29.90 -0.31 16.34
N PHE A 272 -29.15 0.32 17.24
CA PHE A 272 -27.78 0.73 16.92
C PHE A 272 -26.90 -0.49 16.69
N TYR A 273 -26.96 -1.48 17.59
CA TYR A 273 -26.14 -2.67 17.44
C TYR A 273 -26.51 -3.44 16.18
N LYS A 274 -27.80 -3.50 15.86
CA LYS A 274 -28.24 -4.24 14.68
C LYS A 274 -27.72 -3.59 13.40
N MET A 275 -27.77 -2.26 13.32
CA MET A 275 -27.29 -1.57 12.13
C MET A 275 -25.78 -1.70 11.99
N ILE A 276 -25.05 -1.51 13.09
CA ILE A 276 -23.59 -1.64 13.06
C ILE A 276 -23.20 -3.06 12.64
N LYS A 277 -23.90 -4.07 13.17
CA LYS A 277 -23.58 -5.44 12.81
C LYS A 277 -23.87 -5.70 11.33
N GLU A 278 -24.96 -5.14 10.82
CA GLU A 278 -25.33 -5.35 9.42
C GLU A 278 -24.51 -4.50 8.45
N GLY A 279 -23.64 -3.64 8.95
CA GLY A 279 -22.72 -2.91 8.09
C GLY A 279 -23.00 -1.43 7.92
N PHE A 280 -23.87 -0.85 8.73
CA PHE A 280 -24.09 0.60 8.64
C PHE A 280 -22.86 1.36 9.13
N ARG A 281 -22.42 2.32 8.32
CA ARG A 281 -21.28 3.16 8.67
C ARG A 281 -21.66 4.62 8.43
N MET A 282 -20.97 5.50 9.13
CA MET A 282 -21.20 6.93 8.94
C MET A 282 -20.69 7.39 7.57
N SER A 283 -21.39 8.36 7.00
CA SER A 283 -20.95 8.94 5.75
C SER A 283 -19.76 9.87 5.97
N SER A 284 -19.21 10.38 4.88
CA SER A 284 -18.03 11.21 4.96
C SER A 284 -18.38 12.57 5.57
N PRO A 285 -17.61 13.06 6.54
CA PRO A 285 -17.85 14.41 7.06
C PRO A 285 -17.60 15.47 5.99
N GLU A 286 -18.02 16.69 6.30
CA GLU A 286 -18.06 17.74 5.28
C GLU A 286 -16.67 18.14 4.82
N TYR A 287 -15.71 18.17 5.74
CA TYR A 287 -14.39 18.73 5.44
C TYR A 287 -13.32 17.66 5.24
N ALA A 288 -13.69 16.39 5.20
CA ALA A 288 -12.70 15.33 5.08
C ALA A 288 -12.32 15.12 3.62
N PRO A 289 -11.04 15.05 3.28
CA PRO A 289 -10.65 14.65 1.93
C PRO A 289 -11.00 13.19 1.68
N ALA A 290 -11.12 12.85 0.39
CA ALA A 290 -11.48 11.49 0.02
C ALA A 290 -10.45 10.49 0.55
N GLU A 291 -9.17 10.82 0.46
CA GLU A 291 -8.13 9.93 0.96
C GLU A 291 -8.27 9.68 2.45
N MET A 292 -8.71 10.70 3.20
CA MET A 292 -8.90 10.53 4.63
C MET A 292 -10.15 9.71 4.92
N TYR A 293 -11.22 9.93 4.17
CA TYR A 293 -12.41 9.10 4.34
C TYR A 293 -12.15 7.67 3.88
N ASP A 294 -11.28 7.49 2.88
CA ASP A 294 -10.89 6.14 2.49
C ASP A 294 -10.17 5.43 3.63
N ILE A 295 -9.45 6.17 4.47
CA ILE A 295 -8.83 5.55 5.64
C ILE A 295 -9.88 5.14 6.66
N MET A 296 -10.89 5.99 6.87
CA MET A 296 -11.95 5.67 7.83
C MET A 296 -12.66 4.38 7.45
N LYS A 297 -12.99 4.21 6.17
CA LYS A 297 -13.74 3.04 5.74
C LYS A 297 -12.94 1.76 5.95
N THR A 298 -11.64 1.80 5.69
CA THR A 298 -10.80 0.64 5.96
C THR A 298 -10.65 0.41 7.45
N CYS A 299 -10.66 1.47 8.25
CA CYS A 299 -10.62 1.31 9.70
C CYS A 299 -11.90 0.67 10.22
N TRP A 300 -13.02 0.84 9.51
CA TRP A 300 -14.31 0.34 9.93
C TRP A 300 -14.67 -0.98 9.28
N ASP A 301 -13.70 -1.71 8.75
CA ASP A 301 -13.97 -3.00 8.13
C ASP A 301 -14.43 -4.00 9.19
N ALA A 302 -15.48 -4.75 8.85
CA ALA A 302 -15.99 -5.76 9.78
C ALA A 302 -14.99 -6.87 9.99
N ASP A 303 -14.11 -7.12 9.03
CA ASP A 303 -13.02 -8.07 9.18
C ASP A 303 -11.82 -7.34 9.77
N PRO A 304 -11.38 -7.66 10.99
CA PRO A 304 -10.25 -6.91 11.58
C PRO A 304 -8.97 -7.04 10.78
N ASP A 305 -8.75 -8.16 10.09
CA ASP A 305 -7.51 -8.33 9.34
C ASP A 305 -7.47 -7.48 8.08
N LYS A 306 -8.61 -6.97 7.63
CA LYS A 306 -8.65 -6.08 6.47
C LYS A 306 -8.46 -4.62 6.86
N ARG A 307 -8.50 -4.30 8.15
CA ARG A 307 -8.23 -2.93 8.58
C ARG A 307 -6.74 -2.64 8.47
N PRO A 308 -6.37 -1.39 8.16
CA PRO A 308 -4.96 -1.06 8.06
C PRO A 308 -4.31 -1.02 9.44
N THR A 309 -2.98 -1.14 9.45
CA THR A 309 -2.22 -0.94 10.66
C THR A 309 -1.91 0.54 10.83
N PHE A 310 -1.58 0.93 12.06
CA PHE A 310 -1.18 2.31 12.30
C PHE A 310 0.08 2.66 11.53
N LYS A 311 0.99 1.71 11.34
CA LYS A 311 2.16 1.95 10.52
C LYS A 311 1.77 2.24 9.08
N GLN A 312 0.75 1.55 8.57
CA GLN A 312 0.25 1.84 7.23
C GLN A 312 -0.46 3.20 7.20
N ILE A 313 -1.22 3.52 8.25
CA ILE A 313 -1.93 4.80 8.29
C ILE A 313 -0.95 5.96 8.25
N VAL A 314 0.18 5.83 8.95
CA VAL A 314 1.17 6.90 8.97
C VAL A 314 1.74 7.14 7.58
N GLN A 315 2.15 6.07 6.90
CA GLN A 315 2.73 6.22 5.57
C GLN A 315 1.70 6.70 4.56
N ASP A 316 0.42 6.45 4.81
CA ASP A 316 -0.63 6.97 3.94
C ASP A 316 -0.81 8.47 4.14
N ILE A 317 -0.90 8.90 5.40
CA ILE A 317 -1.08 10.32 5.68
C ILE A 317 0.16 11.11 5.26
N GLU A 318 1.34 10.50 5.33
CA GLU A 318 2.55 11.20 4.90
C GLU A 318 2.53 11.49 3.41
N LYS A 319 2.03 10.54 2.61
CA LYS A 319 1.90 10.79 1.18
C LYS A 319 0.89 11.88 0.88
N GLN A 320 -0.13 12.02 1.73
CA GLN A 320 -1.13 13.06 1.51
C GLN A 320 -0.57 14.44 1.83
N ILE A 321 0.22 14.55 2.90
CA ILE A 321 0.72 15.85 3.34
C ILE A 321 1.72 16.42 2.33
N SER A 322 2.50 15.56 1.67
CA SER A 322 3.48 16.04 0.70
CA SER A 322 3.48 16.04 0.70
C SER A 322 2.82 16.86 -0.40
N GLU A 323 1.63 16.45 -0.84
CA GLU A 323 0.88 17.17 -1.86
C GLU A 323 0.16 18.34 -1.19
N SER A 324 0.60 19.56 -1.46
CA SER A 324 0.00 20.73 -0.85
C SER A 324 -0.64 21.64 -1.89
N ASN B 19 -28.93 0.86 -21.23
CA ASN B 19 -27.50 0.88 -21.53
C ASN B 19 -27.21 1.68 -22.79
N ASN B 20 -27.47 2.99 -22.72
CA ASN B 20 -27.21 3.87 -23.85
C ASN B 20 -25.72 4.09 -24.10
N TYR B 21 -24.89 3.88 -23.08
CA TYR B 21 -23.44 4.04 -23.21
C TYR B 21 -22.77 2.69 -23.07
N SER B 22 -21.60 2.54 -23.69
CA SER B 22 -20.88 1.28 -23.66
C SER B 22 -19.43 1.51 -24.00
N TYR B 23 -18.57 0.61 -23.52
CA TYR B 23 -17.17 0.61 -23.89
C TYR B 23 -17.02 0.01 -25.28
N ILE B 24 -16.31 0.69 -26.16
CA ILE B 24 -16.10 0.22 -27.52
C ILE B 24 -15.06 -0.90 -27.50
N ASP B 25 -15.46 -2.07 -27.97
CA ASP B 25 -14.56 -3.22 -28.06
C ASP B 25 -13.74 -3.12 -29.33
N PRO B 26 -12.42 -2.95 -29.22
CA PRO B 26 -11.59 -2.81 -30.44
C PRO B 26 -11.65 -4.01 -31.35
N THR B 27 -11.91 -5.20 -30.81
CA THR B 27 -11.98 -6.41 -31.63
C THR B 27 -13.29 -6.53 -32.39
N GLN B 28 -14.29 -5.70 -32.07
CA GLN B 28 -15.54 -5.69 -32.83
C GLN B 28 -15.56 -4.63 -33.91
N LEU B 29 -14.67 -3.64 -33.84
CA LEU B 29 -14.59 -2.64 -34.88
C LEU B 29 -14.16 -3.28 -36.20
N PRO B 30 -14.61 -2.74 -37.32
CA PRO B 30 -14.20 -3.30 -38.62
C PRO B 30 -12.72 -3.09 -38.86
N TYR B 31 -12.18 -3.93 -39.72
CA TYR B 31 -10.78 -3.79 -40.11
C TYR B 31 -10.60 -2.56 -40.98
N ASP B 32 -9.74 -1.65 -40.56
CA ASP B 32 -9.49 -0.44 -41.32
C ASP B 32 -8.52 -0.74 -42.46
N HIS B 33 -8.99 -0.59 -43.69
CA HIS B 33 -8.17 -0.90 -44.84
C HIS B 33 -7.06 0.10 -45.09
N LYS B 34 -6.82 1.07 -44.20
CA LYS B 34 -5.65 1.91 -44.34
C LYS B 34 -4.36 1.15 -44.08
N TRP B 35 -4.45 -0.03 -43.47
CA TRP B 35 -3.30 -0.90 -43.26
C TRP B 35 -3.09 -1.91 -44.37
N GLU B 36 -3.98 -1.96 -45.36
CA GLU B 36 -3.92 -3.00 -46.38
C GLU B 36 -2.73 -2.78 -47.31
N PHE B 37 -1.88 -3.79 -47.42
CA PHE B 37 -0.70 -3.76 -48.28
C PHE B 37 -0.74 -4.95 -49.24
N PRO B 38 -0.39 -4.73 -50.51
CA PRO B 38 -0.43 -5.83 -51.49
C PRO B 38 0.63 -6.88 -51.17
N ARG B 39 0.19 -8.15 -51.09
CA ARG B 39 1.11 -9.22 -50.74
C ARG B 39 2.08 -9.56 -51.86
N ASN B 40 1.81 -9.11 -53.09
CA ASN B 40 2.76 -9.33 -54.19
C ASN B 40 3.93 -8.36 -54.15
N ARG B 41 3.94 -7.42 -53.19
CA ARG B 41 5.09 -6.57 -52.95
C ARG B 41 5.84 -6.97 -51.69
N LEU B 42 5.44 -8.06 -51.04
CA LEU B 42 6.15 -8.61 -49.89
C LEU B 42 7.02 -9.77 -50.35
N SER B 43 8.29 -9.75 -49.95
CA SER B 43 9.23 -10.83 -50.27
C SER B 43 9.76 -11.37 -48.96
N PHE B 44 9.38 -12.61 -48.63
CA PHE B 44 9.78 -13.20 -47.36
C PHE B 44 11.26 -13.57 -47.37
N GLY B 45 11.94 -13.27 -46.25
CA GLY B 45 13.32 -13.66 -46.09
C GLY B 45 13.45 -14.82 -45.12
N LYS B 46 14.39 -14.71 -44.18
CA LYS B 46 14.63 -15.78 -43.22
C LYS B 46 13.60 -15.74 -42.11
N THR B 47 13.41 -16.90 -41.49
CA THR B 47 12.47 -17.03 -40.37
C THR B 47 13.13 -16.54 -39.09
N LEU B 48 12.53 -15.53 -38.48
CA LEU B 48 13.04 -15.01 -37.21
C LEU B 48 12.68 -15.92 -36.05
N GLY B 49 11.52 -16.56 -36.11
CA GLY B 49 11.10 -17.47 -35.07
C GLY B 49 9.85 -18.20 -35.49
N ALA B 50 9.65 -19.38 -34.88
CA ALA B 50 8.51 -20.22 -35.18
C ALA B 50 8.01 -20.86 -33.90
N GLY B 51 6.87 -21.54 -34.01
CA GLY B 51 6.28 -22.19 -32.86
C GLY B 51 4.86 -22.62 -33.17
N ALA B 52 4.15 -23.01 -32.10
CA ALA B 52 2.77 -23.44 -32.25
C ALA B 52 1.87 -22.30 -32.72
N PHE B 53 2.24 -21.05 -32.41
CA PHE B 53 1.47 -19.91 -32.89
C PHE B 53 1.56 -19.77 -34.40
N GLY B 54 2.69 -20.14 -34.99
CA GLY B 54 2.95 -19.93 -36.40
C GLY B 54 4.42 -19.65 -36.62
N LYS B 55 4.73 -18.54 -37.29
CA LYS B 55 6.12 -18.15 -37.47
C LYS B 55 6.18 -16.67 -37.83
N VAL B 56 7.31 -16.04 -37.49
CA VAL B 56 7.59 -14.66 -37.82
C VAL B 56 8.82 -14.62 -38.70
N VAL B 57 8.71 -13.96 -39.85
CA VAL B 57 9.80 -13.91 -40.81
C VAL B 57 10.23 -12.47 -41.04
N GLU B 58 11.51 -12.29 -41.34
CA GLU B 58 12.00 -11.03 -41.85
C GLU B 58 11.62 -10.90 -43.31
N ALA B 59 11.13 -9.72 -43.70
CA ALA B 59 10.61 -9.53 -45.04
C ALA B 59 10.90 -8.12 -45.53
N THR B 60 10.73 -7.92 -46.83
CA THR B 60 10.87 -6.62 -47.47
C THR B 60 9.52 -6.21 -48.03
N ALA B 61 9.06 -5.01 -47.65
CA ALA B 61 7.79 -4.46 -48.11
C ALA B 61 8.10 -3.33 -49.08
N GLN B 62 8.08 -3.66 -50.37
CA GLN B 62 8.43 -2.69 -51.41
C GLN B 62 7.36 -1.61 -51.49
N GLY B 63 7.77 -0.36 -51.26
CA GLY B 63 6.87 0.76 -51.36
C GLY B 63 6.01 1.02 -50.13
N LEU B 64 6.27 0.32 -49.02
CA LEU B 64 5.46 0.54 -47.82
C LEU B 64 5.73 1.90 -47.22
N ILE B 65 6.99 2.35 -47.22
CA ILE B 65 7.34 3.65 -46.67
C ILE B 65 8.02 4.51 -47.74
N ALA B 69 12.42 2.09 -51.61
CA ALA B 69 11.43 1.90 -50.57
C ALA B 69 11.36 0.44 -50.14
N ALA B 70 12.53 -0.18 -50.02
CA ALA B 70 12.63 -1.58 -49.62
C ALA B 70 12.99 -1.69 -48.15
N MET B 71 12.06 -1.23 -47.30
CA MET B 71 12.28 -1.28 -45.87
C MET B 71 12.09 -2.70 -45.36
N THR B 72 13.03 -3.15 -44.54
CA THR B 72 12.93 -4.47 -43.94
C THR B 72 11.93 -4.46 -42.79
N VAL B 73 11.01 -5.42 -42.82
CA VAL B 73 9.94 -5.52 -41.82
C VAL B 73 9.86 -6.95 -41.32
N ALA B 74 9.10 -7.13 -40.25
CA ALA B 74 8.75 -8.44 -39.73
C ALA B 74 7.30 -8.74 -40.07
N VAL B 75 7.01 -10.00 -40.40
CA VAL B 75 5.68 -10.42 -40.82
C VAL B 75 5.27 -11.61 -39.96
N LYS B 76 4.13 -11.49 -39.28
CA LYS B 76 3.59 -12.55 -38.45
C LYS B 76 2.50 -13.29 -39.23
N MET B 77 2.52 -14.62 -39.16
CA MET B 77 1.61 -15.44 -39.95
C MET B 77 1.33 -16.74 -39.20
N LEU B 78 0.20 -17.35 -39.54
CA LEU B 78 -0.21 -18.61 -38.93
C LEU B 78 0.21 -19.79 -39.80
N LYS B 79 0.12 -20.98 -39.21
CA LYS B 79 0.33 -22.20 -39.97
C LYS B 79 -0.81 -22.40 -40.96
N PRO B 80 -0.54 -23.04 -42.10
CA PRO B 80 -1.62 -23.30 -43.07
C PRO B 80 -2.69 -24.24 -42.53
N SER B 81 -2.42 -24.98 -41.46
CA SER B 81 -3.37 -25.92 -40.88
C SER B 81 -4.13 -25.32 -39.70
N ALA B 82 -3.95 -24.03 -39.43
CA ALA B 82 -4.59 -23.41 -38.26
C ALA B 82 -6.10 -23.42 -38.42
N HIS B 83 -6.79 -23.60 -37.30
CA HIS B 83 -8.24 -23.68 -37.30
C HIS B 83 -8.86 -22.28 -37.38
N SER B 84 -10.15 -22.24 -37.69
CA SER B 84 -10.87 -20.97 -37.77
C SER B 84 -10.77 -20.19 -36.47
N THR B 85 -10.73 -20.88 -35.33
CA THR B 85 -10.55 -20.21 -34.05
C THR B 85 -9.23 -19.45 -34.02
N GLU B 86 -8.14 -20.10 -34.45
CA GLU B 86 -6.84 -19.44 -34.45
C GLU B 86 -6.78 -18.33 -35.48
N ARG B 87 -7.51 -18.45 -36.59
CA ARG B 87 -7.50 -17.39 -37.60
C ARG B 87 -8.22 -16.14 -37.12
N GLU B 88 -9.24 -16.31 -36.28
CA GLU B 88 -9.95 -15.15 -35.73
C GLU B 88 -9.10 -14.44 -34.68
N ALA B 89 -8.28 -15.19 -33.94
CA ALA B 89 -7.46 -14.58 -32.90
C ALA B 89 -6.41 -13.65 -33.48
N LEU B 90 -5.84 -14.03 -34.63
CA LEU B 90 -4.86 -13.15 -35.28
C LEU B 90 -5.52 -11.86 -35.77
N MET B 91 -6.74 -11.97 -36.29
CA MET B 91 -7.46 -10.76 -36.73
C MET B 91 -7.77 -9.86 -35.56
N SER B 92 -8.10 -10.43 -34.40
CA SER B 92 -8.38 -9.62 -33.22
C SER B 92 -7.13 -8.88 -32.75
N GLU B 93 -5.99 -9.57 -32.72
CA GLU B 93 -4.74 -8.91 -32.37
C GLU B 93 -4.44 -7.75 -33.32
N LEU B 94 -4.78 -7.94 -34.60
CA LEU B 94 -4.58 -6.86 -35.57
C LEU B 94 -5.45 -5.65 -35.24
N LYS B 95 -6.70 -5.90 -34.83
CA LYS B 95 -7.59 -4.79 -34.48
C LYS B 95 -7.23 -4.17 -33.15
N VAL B 96 -6.68 -4.94 -32.21
CA VAL B 96 -6.18 -4.36 -30.96
C VAL B 96 -5.00 -3.44 -31.26
N LEU B 97 -4.05 -3.92 -32.05
CA LEU B 97 -2.91 -3.09 -32.43
C LEU B 97 -3.35 -1.86 -33.21
N SER B 98 -4.36 -2.02 -34.09
CA SER B 98 -4.85 -0.89 -34.86
C SER B 98 -5.46 0.18 -33.96
N TYR B 99 -6.21 -0.24 -32.95
CA TYR B 99 -6.83 0.70 -32.02
C TYR B 99 -5.88 1.14 -30.91
N LEU B 100 -4.74 0.47 -30.77
CA LEU B 100 -3.84 0.77 -29.65
C LEU B 100 -3.06 2.05 -29.88
N GLY B 101 -2.50 2.22 -31.06
CA GLY B 101 -1.72 3.40 -31.38
C GLY B 101 -0.24 3.07 -31.46
N ASN B 102 0.52 4.10 -31.85
CA ASN B 102 1.96 3.99 -32.05
C ASN B 102 2.71 4.42 -30.80
N HIS B 103 3.82 3.74 -30.53
CA HIS B 103 4.68 4.07 -29.40
C HIS B 103 6.10 3.59 -29.69
N GLU B 104 7.07 4.34 -29.18
CA GLU B 104 8.46 4.05 -29.45
C GLU B 104 8.88 2.70 -28.88
N ASN B 105 8.35 2.34 -27.70
CA ASN B 105 8.81 1.17 -26.97
C ASN B 105 7.94 -0.06 -27.19
N ILE B 106 7.14 -0.07 -28.26
CA ILE B 106 6.41 -1.26 -28.66
C ILE B 106 6.74 -1.55 -30.12
N VAL B 107 6.65 -2.82 -30.50
CA VAL B 107 6.81 -3.20 -31.89
C VAL B 107 5.55 -2.75 -32.64
N ASN B 108 5.67 -1.68 -33.41
CA ASN B 108 4.51 -1.01 -33.97
C ASN B 108 3.97 -1.74 -35.19
N LEU B 109 2.67 -1.58 -35.44
CA LEU B 109 2.04 -2.14 -36.61
C LEU B 109 2.34 -1.27 -37.83
N LEU B 110 2.73 -1.90 -38.93
CA LEU B 110 3.05 -1.18 -40.16
C LEU B 110 2.06 -1.44 -41.28
N GLY B 111 1.45 -2.61 -41.32
CA GLY B 111 0.50 -2.91 -42.37
C GLY B 111 -0.09 -4.30 -42.17
N ALA B 112 -0.88 -4.72 -43.14
CA ALA B 112 -1.54 -6.03 -43.07
C ALA B 112 -1.99 -6.45 -44.45
N CYS B 113 -2.06 -7.77 -44.64
CA CYS B 113 -2.61 -8.38 -45.86
C CYS B 113 -3.79 -9.24 -45.46
N THR B 114 -4.99 -8.88 -45.93
CA THR B 114 -6.21 -9.56 -45.53
C THR B 114 -6.87 -10.30 -46.69
N HIS B 115 -7.31 -9.59 -47.72
CA HIS B 115 -7.93 -10.25 -48.87
C HIS B 115 -6.87 -10.79 -49.81
N GLY B 116 -7.16 -11.94 -50.41
CA GLY B 116 -6.24 -12.61 -51.30
C GLY B 116 -5.45 -13.74 -50.67
N GLY B 117 -5.76 -14.13 -49.45
CA GLY B 117 -5.06 -15.21 -48.79
C GLY B 117 -5.11 -15.09 -47.28
N PRO B 118 -4.23 -15.82 -46.60
CA PRO B 118 -4.19 -15.75 -45.14
C PRO B 118 -3.78 -14.38 -44.64
N THR B 119 -4.12 -14.13 -43.38
CA THR B 119 -3.82 -12.84 -42.76
C THR B 119 -2.34 -12.73 -42.45
N LEU B 120 -1.75 -11.60 -42.84
CA LEU B 120 -0.35 -11.29 -42.54
C LEU B 120 -0.29 -9.96 -41.81
N VAL B 121 0.47 -9.92 -40.71
CA VAL B 121 0.60 -8.72 -39.89
C VAL B 121 2.04 -8.23 -40.04
N ILE B 122 2.18 -7.03 -40.60
CA ILE B 122 3.49 -6.43 -40.86
C ILE B 122 3.80 -5.47 -39.72
N THR B 123 4.91 -5.73 -39.02
CA THR B 123 5.32 -4.91 -37.88
C THR B 123 6.75 -4.46 -38.06
N GLU B 124 7.21 -3.64 -37.13
CA GLU B 124 8.59 -3.14 -37.18
C GLU B 124 9.57 -4.26 -36.90
N TYR B 125 10.71 -4.22 -37.58
CA TYR B 125 11.75 -5.22 -37.45
C TYR B 125 12.82 -4.73 -36.49
N CYS B 126 13.20 -5.58 -35.53
CA CYS B 126 14.23 -5.27 -34.55
C CYS B 126 15.40 -6.20 -34.78
N CYS B 127 16.51 -5.66 -35.28
CA CYS B 127 17.59 -6.50 -35.80
C CYS B 127 18.32 -7.26 -34.72
N TYR B 128 18.34 -6.76 -33.48
CA TYR B 128 19.13 -7.36 -32.42
C TYR B 128 18.40 -8.48 -31.68
N GLY B 129 17.17 -8.79 -32.05
CA GLY B 129 16.50 -9.94 -31.45
C GLY B 129 15.98 -9.66 -30.05
N ASP B 130 15.62 -10.75 -29.37
CA ASP B 130 15.04 -10.64 -28.04
C ASP B 130 16.08 -10.21 -27.01
N LEU B 131 15.59 -9.63 -25.92
CA LEU B 131 16.49 -9.11 -24.90
C LEU B 131 17.11 -10.23 -24.06
N LEU B 132 16.40 -11.34 -23.91
CA LEU B 132 16.92 -12.44 -23.09
C LEU B 132 18.20 -13.01 -23.67
N ASN B 133 18.17 -13.38 -24.96
CA ASN B 133 19.37 -13.89 -25.60
C ASN B 133 20.45 -12.82 -25.71
N PHE B 134 20.06 -11.55 -25.84
CA PHE B 134 21.04 -10.48 -25.89
C PHE B 134 21.81 -10.40 -24.58
N LEU B 135 21.10 -10.44 -23.45
CA LEU B 135 21.76 -10.40 -22.15
C LEU B 135 22.68 -11.60 -21.96
N ARG B 136 22.27 -12.77 -22.46
CA ARG B 136 23.10 -13.97 -22.30
C ARG B 136 24.34 -13.91 -23.19
N ARG B 137 24.24 -13.30 -24.37
CA ARG B 137 25.44 -13.08 -25.17
C ARG B 137 26.38 -12.09 -24.50
N LYS B 138 25.83 -11.02 -23.93
CA LYS B 138 26.62 -10.00 -23.26
C LYS B 138 26.95 -10.36 -21.81
N ARG B 139 26.58 -11.57 -21.36
CA ARG B 139 26.78 -11.93 -19.96
C ARG B 139 28.26 -11.92 -19.59
N ASP B 140 29.12 -12.46 -20.46
CA ASP B 140 30.55 -12.49 -20.17
C ASP B 140 31.18 -11.12 -20.34
N GLU B 141 30.72 -10.34 -21.32
CA GLU B 141 31.28 -9.03 -21.61
C GLU B 141 30.39 -7.92 -21.03
N PHE B 142 30.25 -7.94 -19.71
CA PHE B 142 29.46 -6.96 -18.99
C PHE B 142 30.31 -6.34 -17.89
N VAL B 143 30.29 -5.01 -17.81
CA VAL B 143 30.94 -4.29 -16.72
C VAL B 143 29.94 -3.30 -16.15
N PRO B 144 29.77 -3.24 -14.82
CA PRO B 144 28.78 -2.31 -14.25
C PRO B 144 28.99 -0.86 -14.68
N TYR B 145 30.25 -0.42 -14.74
CA TYR B 145 30.56 0.94 -15.12
C TYR B 145 31.58 0.93 -16.25
N LYS B 146 31.45 1.86 -17.18
CA LYS B 146 32.38 1.96 -18.30
C LYS B 146 33.69 2.60 -17.85
N ASP B 155 31.63 -1.73 -27.67
CA ASP B 155 30.35 -1.62 -26.99
C ASP B 155 30.16 -2.77 -26.01
N PHE B 156 30.07 -2.45 -24.73
CA PHE B 156 29.87 -3.43 -23.68
C PHE B 156 28.64 -3.04 -22.86
N LEU B 157 28.10 -4.01 -22.15
CA LEU B 157 26.92 -3.79 -21.32
C LEU B 157 27.32 -3.17 -19.99
N THR B 158 26.54 -2.20 -19.53
CA THR B 158 26.78 -1.50 -18.28
C THR B 158 25.48 -1.42 -17.48
N LEU B 159 25.60 -0.90 -16.25
CA LEU B 159 24.41 -0.62 -15.45
C LEU B 159 23.53 0.42 -16.12
N GLU B 160 24.13 1.38 -16.84
CA GLU B 160 23.37 2.36 -17.58
C GLU B 160 22.43 1.69 -18.57
N HIS B 161 22.94 0.72 -19.33
CA HIS B 161 22.12 0.02 -20.30
C HIS B 161 20.98 -0.73 -19.61
N LEU B 162 21.29 -1.45 -18.54
CA LEU B 162 20.26 -2.16 -17.80
C LEU B 162 19.21 -1.19 -17.26
N LEU B 163 19.65 -0.06 -16.73
CA LEU B 163 18.71 0.93 -16.22
C LEU B 163 17.89 1.55 -17.34
N SER B 164 18.50 1.76 -18.51
CA SER B 164 17.75 2.30 -19.65
C SER B 164 16.74 1.28 -20.17
N PHE B 165 17.11 0.00 -20.17
CA PHE B 165 16.19 -1.05 -20.62
C PHE B 165 14.95 -1.11 -19.72
N SER B 166 15.16 -1.14 -18.41
CA SER B 166 14.03 -1.17 -17.47
C SER B 166 13.17 0.08 -17.61
N TYR B 167 13.80 1.23 -17.88
CA TYR B 167 13.05 2.46 -18.03
C TYR B 167 12.20 2.44 -19.30
N GLN B 168 12.76 1.94 -20.41
CA GLN B 168 12.01 1.90 -21.66
C GLN B 168 10.86 0.90 -21.59
N VAL B 169 11.08 -0.24 -20.95
CA VAL B 169 10.04 -1.26 -20.85
C VAL B 169 8.88 -0.76 -20.00
N ALA B 170 9.19 -0.05 -18.91
CA ALA B 170 8.13 0.49 -18.07
C ALA B 170 7.29 1.52 -18.81
N LYS B 171 7.93 2.31 -19.68
CA LYS B 171 7.19 3.30 -20.45
C LYS B 171 6.23 2.64 -21.43
N GLY B 172 6.67 1.55 -22.07
CA GLY B 172 5.80 0.85 -22.99
C GLY B 172 4.61 0.21 -22.29
N MET B 173 4.81 -0.29 -21.08
CA MET B 173 3.70 -0.88 -20.33
C MET B 173 2.76 0.20 -19.82
N ALA B 174 3.30 1.35 -19.40
CA ALA B 174 2.44 2.46 -19.00
C ALA B 174 1.58 2.93 -20.17
N PHE B 175 2.09 2.82 -21.39
CA PHE B 175 1.31 3.15 -22.56
C PHE B 175 0.16 2.17 -22.74
N LEU B 176 0.40 0.88 -22.49
CA LEU B 176 -0.66 -0.11 -22.62
C LEU B 176 -1.74 0.09 -21.56
N ALA B 177 -1.33 0.34 -20.31
CA ALA B 177 -2.29 0.56 -19.25
C ALA B 177 -3.11 1.82 -19.51
N SER B 178 -2.49 2.84 -20.11
CA SER B 178 -3.23 4.06 -20.42
C SER B 178 -4.31 3.81 -21.46
N LYS B 179 -4.13 2.80 -22.30
CA LYS B 179 -5.13 2.38 -23.27
C LYS B 179 -6.02 1.26 -22.73
N ASN B 180 -5.95 0.99 -21.42
CA ASN B 180 -6.73 -0.07 -20.79
C ASN B 180 -6.48 -1.41 -21.46
N CYS B 181 -5.21 -1.70 -21.71
CA CYS B 181 -4.78 -2.94 -22.34
CA CYS B 181 -4.80 -2.95 -22.33
C CYS B 181 -3.75 -3.63 -21.46
N ILE B 182 -3.87 -4.96 -21.35
CA ILE B 182 -2.93 -5.79 -20.61
C ILE B 182 -2.26 -6.74 -21.58
N HIS B 183 -0.99 -7.03 -21.33
CA HIS B 183 -0.19 -7.85 -22.24
C HIS B 183 -0.35 -9.33 -21.96
N ARG B 184 -0.25 -9.73 -20.69
CA ARG B 184 -0.43 -11.07 -20.13
C ARG B 184 0.72 -12.03 -20.44
N ASP B 185 1.80 -11.57 -21.08
CA ASP B 185 2.98 -12.40 -21.26
C ASP B 185 4.22 -11.51 -21.31
N LEU B 186 4.41 -10.72 -20.26
CA LEU B 186 5.57 -9.82 -20.19
C LEU B 186 6.80 -10.60 -19.74
N ALA B 187 7.83 -10.59 -20.58
CA ALA B 187 9.05 -11.32 -20.28
C ALA B 187 10.18 -10.79 -21.15
N ALA B 188 11.42 -11.09 -20.73
CA ALA B 188 12.58 -10.61 -21.48
C ALA B 188 12.67 -11.24 -22.86
N ARG B 189 12.10 -12.45 -23.02
CA ARG B 189 12.06 -13.07 -24.33
C ARG B 189 11.13 -12.33 -25.30
N ASN B 190 10.18 -11.58 -24.78
CA ASN B 190 9.24 -10.81 -25.59
C ASN B 190 9.61 -9.34 -25.67
N ILE B 191 10.82 -8.98 -25.27
CA ILE B 191 11.34 -7.63 -25.44
C ILE B 191 12.42 -7.69 -26.51
N LEU B 192 12.26 -6.90 -27.55
CA LEU B 192 13.20 -6.86 -28.66
C LEU B 192 14.09 -5.63 -28.57
N LEU B 193 15.24 -5.72 -29.22
CA LEU B 193 16.23 -4.65 -29.24
C LEU B 193 16.47 -4.23 -30.69
N THR B 194 16.40 -2.93 -30.94
CA THR B 194 16.69 -2.41 -32.27
C THR B 194 17.84 -1.42 -32.19
N HIS B 195 17.94 -0.52 -33.18
CA HIS B 195 19.05 0.42 -33.21
C HIS B 195 18.95 1.43 -32.07
N GLY B 196 20.12 1.83 -31.56
CA GLY B 196 20.16 2.83 -30.51
C GLY B 196 19.79 2.36 -29.13
N ASN B 197 19.97 1.07 -28.84
CA ASN B 197 19.65 0.50 -27.54
C ASN B 197 18.20 0.79 -27.14
N ILE B 198 17.31 0.75 -28.13
CA ILE B 198 15.88 1.01 -27.92
C ILE B 198 15.17 -0.34 -27.86
N THR B 199 14.44 -0.55 -26.77
CA THR B 199 13.71 -1.80 -26.56
C THR B 199 12.25 -1.62 -26.99
N LYS B 200 11.68 -2.71 -27.52
CA LYS B 200 10.31 -2.71 -28.00
C LYS B 200 9.59 -3.96 -27.53
N ILE B 201 8.38 -3.79 -27.04
CA ILE B 201 7.56 -4.91 -26.57
C ILE B 201 6.84 -5.53 -27.76
N CYS B 202 6.90 -6.85 -27.86
CA CYS B 202 6.27 -7.57 -28.97
C CYS B 202 5.37 -8.67 -28.43
N ASP B 203 4.80 -9.43 -29.37
CA ASP B 203 3.92 -10.57 -29.08
C ASP B 203 2.65 -10.12 -28.37
N PHE B 204 1.70 -9.58 -29.12
CA PHE B 204 0.43 -9.10 -28.57
C PHE B 204 -0.72 -10.08 -28.82
N GLY B 205 -0.41 -11.37 -28.94
CA GLY B 205 -1.46 -12.35 -29.21
C GLY B 205 -2.45 -12.50 -28.07
N LEU B 206 -1.99 -12.30 -26.84
CA LEU B 206 -2.86 -12.41 -25.67
C LEU B 206 -3.24 -11.06 -25.08
N ALA B 207 -2.88 -9.96 -25.73
CA ALA B 207 -3.26 -8.65 -25.23
C ALA B 207 -4.77 -8.46 -25.27
N ARG B 208 -5.32 -7.92 -24.18
CA ARG B 208 -6.76 -7.76 -24.03
C ARG B 208 -7.07 -6.32 -23.61
N ASP B 209 -8.22 -5.84 -24.07
CA ASP B 209 -8.77 -4.57 -23.60
C ASP B 209 -9.75 -4.88 -22.48
N ILE B 210 -9.39 -4.51 -21.25
CA ILE B 210 -10.17 -4.88 -20.08
C ILE B 210 -10.98 -3.69 -19.57
N LYS B 211 -11.35 -2.79 -20.47
CA LYS B 211 -12.11 -1.60 -20.06
C LYS B 211 -13.44 -1.98 -19.42
N ASN B 212 -14.06 -3.07 -19.88
CA ASN B 212 -15.39 -3.42 -19.39
C ASN B 212 -15.35 -4.03 -17.99
N ASP B 213 -14.82 -5.24 -17.87
CA ASP B 213 -14.84 -6.00 -16.63
C ASP B 213 -13.69 -5.67 -15.69
N SER B 214 -12.74 -4.84 -16.12
CA SER B 214 -11.61 -4.40 -15.29
C SER B 214 -10.65 -5.55 -14.99
N ASN B 215 -11.00 -6.77 -15.36
CA ASN B 215 -10.09 -7.90 -15.23
C ASN B 215 -10.54 -9.01 -16.17
N TYR B 216 -9.60 -9.56 -16.92
CA TYR B 216 -9.88 -10.62 -17.89
C TYR B 216 -9.65 -11.98 -17.23
N VAL B 217 -10.62 -12.87 -17.37
CA VAL B 217 -10.55 -14.22 -16.84
C VAL B 217 -10.26 -15.16 -18.00
N ASP B 218 -9.16 -15.91 -17.88
CA ASP B 218 -8.74 -16.79 -18.97
C ASP B 218 -9.64 -18.02 -19.06
N LYS B 219 -10.02 -18.37 -20.29
CA LYS B 219 -10.80 -19.56 -20.55
C LYS B 219 -10.15 -20.50 -21.55
N GLY B 220 -8.94 -20.19 -22.02
CA GLY B 220 -8.26 -21.04 -22.97
C GLY B 220 -7.60 -22.24 -22.32
N ASN B 221 -7.05 -23.11 -23.17
CA ASN B 221 -6.41 -24.35 -22.74
C ASN B 221 -5.05 -24.45 -23.44
N ALA B 222 -4.09 -23.67 -22.96
CA ALA B 222 -2.75 -23.66 -23.51
C ALA B 222 -1.73 -23.60 -22.38
N ARG B 223 -0.47 -23.84 -22.74
CA ARG B 223 0.60 -23.75 -21.76
C ARG B 223 0.79 -22.31 -21.30
N LEU B 224 1.21 -22.15 -20.05
CA LEU B 224 1.27 -20.84 -19.43
C LEU B 224 2.65 -20.60 -18.81
N PRO B 225 3.12 -19.35 -18.82
CA PRO B 225 4.42 -18.98 -18.22
C PRO B 225 4.30 -18.81 -16.70
N VAL B 226 4.31 -19.95 -16.00
CA VAL B 226 3.92 -19.98 -14.59
C VAL B 226 4.82 -19.11 -13.74
N LYS B 227 6.12 -19.10 -14.05
CA LYS B 227 7.08 -18.36 -13.22
C LYS B 227 6.99 -16.85 -13.43
N TRP B 228 6.25 -16.38 -14.42
CA TRP B 228 6.06 -14.95 -14.65
C TRP B 228 4.68 -14.46 -14.22
N MET B 229 3.79 -15.36 -13.81
CA MET B 229 2.41 -15.02 -13.52
C MET B 229 2.24 -14.64 -12.05
N ALA B 230 1.32 -13.71 -11.81
CA ALA B 230 0.93 -13.38 -10.45
C ALA B 230 0.13 -14.54 -9.85
N PRO B 231 0.13 -14.68 -8.53
CA PRO B 231 -0.56 -15.83 -7.92
C PRO B 231 -2.04 -15.87 -8.23
N GLU B 232 -2.70 -14.71 -8.30
CA GLU B 232 -4.12 -14.71 -8.64
C GLU B 232 -4.36 -15.20 -10.05
N SER B 233 -3.39 -15.01 -10.95
CA SER B 233 -3.54 -15.50 -12.32
C SER B 233 -3.37 -17.02 -12.37
N ILE B 234 -2.51 -17.57 -11.53
CA ILE B 234 -2.31 -19.02 -11.50
C ILE B 234 -3.50 -19.70 -10.83
N PHE B 235 -3.94 -19.16 -9.70
CA PHE B 235 -4.92 -19.84 -8.87
C PHE B 235 -6.35 -19.59 -9.33
N ASN B 236 -6.61 -18.46 -9.99
CA ASN B 236 -7.96 -18.10 -10.38
C ASN B 236 -8.09 -17.63 -11.82
N SER B 237 -7.02 -17.67 -12.61
CA SER B 237 -7.06 -17.32 -14.03
C SER B 237 -7.53 -15.89 -14.26
N VAL B 238 -7.21 -15.00 -13.34
CA VAL B 238 -7.59 -13.59 -13.42
CA VAL B 238 -7.60 -13.59 -13.43
C VAL B 238 -6.37 -12.77 -13.82
N TYR B 239 -6.54 -11.88 -14.78
CA TYR B 239 -5.46 -11.04 -15.27
C TYR B 239 -5.90 -9.59 -15.22
N THR B 240 -5.07 -8.74 -14.61
CA THR B 240 -5.39 -7.34 -14.36
C THR B 240 -4.23 -6.47 -14.81
N PHE B 241 -4.38 -5.15 -14.64
CA PHE B 241 -3.24 -4.26 -14.72
C PHE B 241 -2.17 -4.65 -13.71
N GLU B 242 -2.60 -5.12 -12.54
CA GLU B 242 -1.66 -5.48 -11.48
C GLU B 242 -0.93 -6.77 -11.80
N SER B 243 -1.58 -7.69 -12.53
CA SER B 243 -0.90 -8.93 -12.90
C SER B 243 0.21 -8.68 -13.92
N ASP B 244 0.09 -7.61 -14.71
CA ASP B 244 1.20 -7.22 -15.58
C ASP B 244 2.34 -6.62 -14.78
N VAL B 245 2.01 -5.85 -13.74
CA VAL B 245 3.04 -5.28 -12.88
C VAL B 245 3.86 -6.37 -12.20
N TRP B 246 3.19 -7.46 -11.79
CA TRP B 246 3.92 -8.59 -11.24
C TRP B 246 4.91 -9.15 -12.26
N SER B 247 4.45 -9.34 -13.50
CA SER B 247 5.33 -9.89 -14.53
C SER B 247 6.49 -8.94 -14.82
N TYR B 248 6.28 -7.63 -14.65
CA TYR B 248 7.38 -6.69 -14.85
C TYR B 248 8.47 -6.87 -13.80
N GLY B 249 8.07 -7.14 -12.55
CA GLY B 249 9.06 -7.39 -11.51
C GLY B 249 9.90 -8.63 -11.79
N ILE B 250 9.27 -9.66 -12.37
CA ILE B 250 10.03 -10.85 -12.77
C ILE B 250 10.96 -10.52 -13.93
N PHE B 251 10.56 -9.59 -14.80
CA PHE B 251 11.44 -9.15 -15.88
C PHE B 251 12.64 -8.40 -15.33
N LEU B 252 12.44 -7.60 -14.27
CA LEU B 252 13.56 -6.88 -13.67
C LEU B 252 14.59 -7.84 -13.10
N TRP B 253 14.15 -8.96 -12.54
CA TRP B 253 15.08 -9.96 -12.03
C TRP B 253 15.90 -10.58 -13.15
N GLU B 254 15.24 -10.90 -14.28
CA GLU B 254 15.96 -11.39 -15.45
C GLU B 254 17.01 -10.39 -15.92
N LEU B 255 16.63 -9.12 -15.98
CA LEU B 255 17.50 -8.10 -16.56
C LEU B 255 18.79 -7.97 -15.77
N PHE B 256 18.68 -7.71 -14.46
CA PHE B 256 19.86 -7.48 -13.64
C PHE B 256 20.58 -8.77 -13.24
N SER B 257 20.01 -9.93 -13.54
CA SER B 257 20.74 -11.18 -13.45
C SER B 257 21.39 -11.58 -14.76
N LEU B 258 21.30 -10.70 -15.78
CA LEU B 258 21.95 -10.91 -17.07
C LEU B 258 21.43 -12.16 -17.78
N GLY B 259 20.11 -12.31 -17.78
CA GLY B 259 19.47 -13.38 -18.54
C GLY B 259 19.30 -14.69 -17.82
N SER B 260 19.41 -14.71 -16.49
CA SER B 260 19.25 -15.96 -15.76
CA SER B 260 19.25 -15.96 -15.76
C SER B 260 17.78 -16.35 -15.69
N SER B 261 17.54 -17.66 -15.59
CA SER B 261 16.18 -18.15 -15.49
C SER B 261 15.63 -17.87 -14.09
N PRO B 262 14.40 -17.40 -13.98
CA PRO B 262 13.85 -17.06 -12.66
C PRO B 262 13.65 -18.31 -11.80
N TYR B 263 13.68 -18.08 -10.49
CA TYR B 263 13.60 -19.16 -9.50
C TYR B 263 14.57 -20.30 -9.82
N PRO B 264 15.89 -20.03 -9.79
CA PRO B 264 16.85 -21.11 -10.07
C PRO B 264 16.75 -22.21 -9.03
N GLY B 265 16.82 -23.46 -9.50
CA GLY B 265 16.72 -24.61 -8.63
C GLY B 265 15.32 -24.96 -8.20
N MET B 266 14.30 -24.37 -8.80
CA MET B 266 12.91 -24.65 -8.43
C MET B 266 12.13 -25.11 -9.64
N PRO B 267 11.67 -26.35 -9.70
CA PRO B 267 10.73 -26.75 -10.76
C PRO B 267 9.30 -26.36 -10.41
N VAL B 268 8.50 -26.16 -11.45
CA VAL B 268 7.10 -25.81 -11.28
C VAL B 268 6.34 -27.05 -10.84
N ASP B 269 6.12 -27.18 -9.53
CA ASP B 269 5.45 -28.34 -8.96
C ASP B 269 4.60 -27.87 -7.79
N SER B 270 4.16 -28.82 -6.95
CA SER B 270 3.30 -28.47 -5.81
C SER B 270 4.04 -27.58 -4.81
N LYS B 271 5.34 -27.81 -4.61
CA LYS B 271 6.09 -27.02 -3.66
C LYS B 271 6.25 -25.57 -4.12
N PHE B 272 6.35 -25.35 -5.45
CA PHE B 272 6.50 -24.00 -5.96
C PHE B 272 5.26 -23.16 -5.65
N TYR B 273 4.07 -23.65 -6.01
CA TYR B 273 2.85 -22.90 -5.74
C TYR B 273 2.67 -22.67 -4.25
N LYS B 274 3.00 -23.67 -3.43
CA LYS B 274 2.83 -23.55 -1.99
C LYS B 274 3.69 -22.42 -1.43
N MET B 275 4.95 -22.33 -1.86
CA MET B 275 5.84 -21.30 -1.32
C MET B 275 5.48 -19.93 -1.86
N ILE B 276 5.09 -19.84 -3.13
CA ILE B 276 4.65 -18.56 -3.68
C ILE B 276 3.45 -18.03 -2.91
N LYS B 277 2.47 -18.90 -2.66
CA LYS B 277 1.30 -18.49 -1.90
C LYS B 277 1.67 -18.16 -0.46
N GLU B 278 2.60 -18.91 0.12
CA GLU B 278 3.04 -18.65 1.49
C GLU B 278 3.87 -17.37 1.61
N GLY B 279 4.25 -16.76 0.48
CA GLY B 279 4.94 -15.49 0.52
C GLY B 279 6.40 -15.52 0.11
N PHE B 280 6.88 -16.61 -0.49
CA PHE B 280 8.27 -16.66 -0.91
C PHE B 280 8.49 -15.77 -2.13
N ARG B 281 9.62 -15.05 -2.13
CA ARG B 281 10.00 -14.20 -3.24
C ARG B 281 11.49 -14.38 -3.51
N MET B 282 11.90 -14.03 -4.72
CA MET B 282 13.30 -14.20 -5.11
C MET B 282 14.20 -13.16 -4.46
N SER B 283 15.47 -13.52 -4.31
CA SER B 283 16.46 -12.61 -3.77
C SER B 283 16.93 -11.63 -4.85
N SER B 284 17.65 -10.61 -4.40
CA SER B 284 18.11 -9.57 -5.31
C SER B 284 19.25 -10.09 -6.19
N PRO B 285 19.21 -9.84 -7.49
CA PRO B 285 20.39 -10.12 -8.32
C PRO B 285 21.58 -9.31 -7.86
N GLU B 286 22.77 -9.87 -8.05
CA GLU B 286 23.98 -9.25 -7.52
C GLU B 286 24.20 -7.85 -8.10
N TYR B 287 23.85 -7.66 -9.36
CA TYR B 287 24.08 -6.40 -10.05
C TYR B 287 22.86 -5.49 -10.04
N ALA B 288 21.83 -5.84 -9.29
CA ALA B 288 20.63 -5.01 -9.23
C ALA B 288 20.82 -3.92 -8.19
N PRO B 289 20.61 -2.65 -8.55
CA PRO B 289 20.64 -1.59 -7.53
C PRO B 289 19.57 -1.83 -6.47
N ALA B 290 19.85 -1.39 -5.25
CA ALA B 290 18.93 -1.62 -4.15
C ALA B 290 17.57 -0.98 -4.44
N GLU B 291 17.57 0.21 -5.05
CA GLU B 291 16.31 0.85 -5.39
C GLU B 291 15.57 0.12 -6.49
N MET B 292 16.28 -0.57 -7.38
CA MET B 292 15.61 -1.38 -8.39
C MET B 292 15.01 -2.63 -7.79
N TYR B 293 15.65 -3.20 -6.77
CA TYR B 293 15.09 -4.37 -6.10
C TYR B 293 13.90 -3.99 -5.21
N ASP B 294 13.87 -2.74 -4.73
CA ASP B 294 12.69 -2.27 -4.00
C ASP B 294 11.47 -2.26 -4.90
N ILE B 295 11.64 -1.98 -6.20
CA ILE B 295 10.52 -2.00 -7.12
C ILE B 295 10.03 -3.42 -7.33
N MET B 296 10.95 -4.38 -7.43
CA MET B 296 10.54 -5.78 -7.63
C MET B 296 9.68 -6.27 -6.49
N LYS B 297 10.06 -5.95 -5.24
CA LYS B 297 9.32 -6.45 -4.09
C LYS B 297 7.91 -5.90 -4.05
N THR B 298 7.72 -4.64 -4.43
CA THR B 298 6.37 -4.08 -4.47
C THR B 298 5.56 -4.65 -5.62
N CYS B 299 6.21 -4.95 -6.75
CA CYS B 299 5.53 -5.65 -7.84
C CYS B 299 5.06 -7.02 -7.41
N TRP B 300 5.75 -7.65 -6.46
CA TRP B 300 5.47 -9.00 -6.01
C TRP B 300 4.61 -9.04 -4.76
N ASP B 301 3.95 -7.93 -4.42
CA ASP B 301 3.11 -7.91 -3.24
C ASP B 301 1.93 -8.86 -3.41
N ALA B 302 1.64 -9.64 -2.38
CA ALA B 302 0.51 -10.57 -2.43
C ALA B 302 -0.79 -9.83 -2.70
N ASP B 303 -0.94 -8.65 -2.11
CA ASP B 303 -2.10 -7.80 -2.37
C ASP B 303 -1.87 -7.03 -3.65
N PRO B 304 -2.64 -7.29 -4.72
CA PRO B 304 -2.44 -6.55 -5.97
C PRO B 304 -2.66 -5.06 -5.84
N ASP B 305 -3.53 -4.63 -4.91
CA ASP B 305 -3.75 -3.20 -4.72
C ASP B 305 -2.53 -2.50 -4.17
N LYS B 306 -1.67 -3.24 -3.45
CA LYS B 306 -0.43 -2.66 -2.91
C LYS B 306 0.67 -2.57 -3.95
N ARG B 307 0.51 -3.22 -5.11
CA ARG B 307 1.51 -3.12 -6.15
C ARG B 307 1.45 -1.73 -6.80
N PRO B 308 2.58 -1.22 -7.27
CA PRO B 308 2.57 0.09 -7.93
C PRO B 308 1.97 -0.01 -9.32
N THR B 309 1.61 1.15 -9.85
CA THR B 309 1.19 1.26 -11.23
C THR B 309 2.40 1.51 -12.13
N PHE B 310 2.23 1.21 -13.42
CA PHE B 310 3.32 1.47 -14.36
C PHE B 310 3.66 2.95 -14.45
N LYS B 311 2.67 3.82 -14.20
CA LYS B 311 2.95 5.24 -14.13
C LYS B 311 3.85 5.57 -12.95
N GLN B 312 3.64 4.90 -11.81
CA GLN B 312 4.49 5.12 -10.66
C GLN B 312 5.88 4.55 -10.88
N ILE B 313 5.98 3.41 -11.58
CA ILE B 313 7.28 2.79 -11.83
C ILE B 313 8.14 3.68 -12.73
N VAL B 314 7.52 4.32 -13.73
CA VAL B 314 8.27 5.17 -14.64
C VAL B 314 8.89 6.34 -13.89
N GLN B 315 8.13 6.97 -13.00
CA GLN B 315 8.64 8.11 -12.26
C GLN B 315 9.76 7.70 -11.30
N ASP B 316 9.69 6.49 -10.74
CA ASP B 316 10.73 6.03 -9.83
C ASP B 316 12.05 5.83 -10.56
N ILE B 317 12.01 5.11 -11.69
CA ILE B 317 13.23 4.84 -12.45
C ILE B 317 13.82 6.12 -13.02
N GLU B 318 12.97 7.07 -13.39
CA GLU B 318 13.46 8.33 -13.96
C GLU B 318 14.27 9.11 -12.94
N LYS B 319 13.86 9.08 -11.67
CA LYS B 319 14.63 9.76 -10.63
C LYS B 319 15.97 9.07 -10.41
N GLN B 320 16.00 7.73 -10.51
CA GLN B 320 17.26 7.01 -10.37
C GLN B 320 18.21 7.33 -11.52
N ILE B 321 17.67 7.42 -12.74
CA ILE B 321 18.51 7.69 -13.91
C ILE B 321 19.16 9.06 -13.79
N SER B 322 18.41 10.05 -13.31
CA SER B 322 18.97 11.38 -13.14
C SER B 322 20.13 11.39 -12.15
N GLU B 323 20.16 10.42 -11.24
CA GLU B 323 21.21 10.34 -10.22
C GLU B 323 22.24 9.28 -10.57
O4 STU C . -9.39 15.92 32.38
C25 STU C . -9.29 16.94 31.43
C24 STU C . -10.01 16.61 30.13
C23 STU C . -10.85 15.35 30.42
C22 STU C . -9.86 14.23 30.67
C21 STU C . -9.15 14.60 31.96
C26 STU C . -9.92 13.84 33.04
N2 STU C . -7.72 14.25 31.97
C18 STU C . -6.72 15.20 31.70
C19 STU C . -6.81 16.58 31.39
C6 STU C . -5.65 17.33 31.16
C7 STU C . -4.38 16.72 31.25
C10 STU C . -4.30 15.36 31.55
C11 STU C . -5.45 14.61 31.78
C12 STU C . -5.69 13.21 32.11
C17 STU C . -7.08 13.03 32.21
C16 STU C . -7.57 11.75 32.53
C15 STU C . -6.66 10.73 32.72
C14 STU C . -5.30 10.92 32.61
C13 STU C . -4.78 12.16 32.31
C9 STU C . -2.84 15.00 31.56
N1 STU C . -2.12 16.23 31.24
C8 STU C . -3.01 17.22 31.06
O5 STU C . -2.71 18.36 30.78
C5 STU C . -6.11 18.69 30.88
C20 STU C . -7.52 18.67 30.95
C1 STU C . -8.26 19.82 30.72
C2 STU C . -7.55 20.98 30.42
C3 STU C . -6.17 20.99 30.35
C4 STU C . -5.41 19.86 30.58
N3 STU C . -7.90 17.36 31.26
O6 STU C . -8.88 14.20 29.63
C27 STU C . -8.95 12.92 29.01
N4 STU C . -11.83 14.99 29.37
C28 STU C . -11.39 15.52 28.07
O4 STU D . 10.90 -14.87 -32.89
C25 STU D . 12.12 -14.25 -32.66
C24 STU D . 12.54 -14.20 -31.20
C23 STU D . 11.57 -15.04 -30.35
C22 STU D . 10.15 -14.51 -30.58
C21 STU D . 9.82 -14.54 -32.07
C26 STU D . 8.95 -15.78 -32.25
N2 STU D . 9.13 -13.30 -32.48
C18 STU D . 9.80 -12.24 -33.09
C19 STU D . 11.15 -12.08 -33.43
C6 STU D . 11.60 -10.91 -34.04
C7 STU D . 10.68 -9.87 -34.33
C10 STU D . 9.35 -10.03 -33.98
C11 STU D . 8.90 -11.20 -33.37
C12 STU D . 7.60 -11.66 -32.90
C17 STU D . 7.78 -12.95 -32.36
C16 STU D . 6.66 -13.61 -31.83
C15 STU D . 5.43 -12.97 -31.88
C14 STU D . 5.28 -11.71 -32.41
C13 STU D . 6.35 -11.02 -32.94
C9 STU D . 8.64 -8.76 -34.41
N1 STU D . 9.66 -7.90 -35.00
C8 STU D . 10.84 -8.54 -34.95
O5 STU D . 11.89 -8.09 -35.37
C5 STU D . 13.03 -11.08 -34.25
C20 STU D . 13.36 -12.36 -33.75
C1 STU D . 14.67 -12.83 -33.81
C2 STU D . 15.63 -12.00 -34.37
C3 STU D . 15.30 -10.75 -34.87
C4 STU D . 14.01 -10.26 -34.82
N3 STU D . 12.19 -12.92 -33.26
O6 STU D . 10.11 -13.16 -30.14
C27 STU D . 9.25 -13.11 -29.00
N4 STU D . 11.93 -14.91 -28.92
C28 STU D . 12.97 -15.91 -28.66
#